data_276D
# 
_entry.id   276D 
# 
_audit_conform.dict_name       mmcif_pdbx.dic 
_audit_conform.dict_version    5.387 
_audit_conform.dict_location   http://mmcif.pdb.org/dictionaries/ascii/mmcif_pdbx.dic 
# 
loop_
_database_2.database_id 
_database_2.database_code 
_database_2.pdbx_database_accession 
_database_2.pdbx_DOI 
PDB   276D         pdb_0000276d 10.2210/pdb276d/pdb 
RCSB  DDF066       ?            ?                   
WWPDB D_1000177688 ?            ?                   
# 
loop_
_pdbx_audit_revision_history.ordinal 
_pdbx_audit_revision_history.data_content_type 
_pdbx_audit_revision_history.major_revision 
_pdbx_audit_revision_history.minor_revision 
_pdbx_audit_revision_history.revision_date 
1 'Structure model' 1 0 1996-09-16 
2 'Structure model' 1 1 2008-05-22 
3 'Structure model' 1 2 2011-07-13 
4 'Structure model' 1 3 2024-02-14 
# 
_pdbx_audit_revision_details.ordinal             1 
_pdbx_audit_revision_details.revision_ordinal    1 
_pdbx_audit_revision_details.data_content_type   'Structure model' 
_pdbx_audit_revision_details.provider            repository 
_pdbx_audit_revision_details.type                'Initial release' 
_pdbx_audit_revision_details.description         ? 
_pdbx_audit_revision_details.details             ? 
# 
loop_
_pdbx_audit_revision_group.ordinal 
_pdbx_audit_revision_group.revision_ordinal 
_pdbx_audit_revision_group.data_content_type 
_pdbx_audit_revision_group.group 
1 2 'Structure model' 'Version format compliance' 
2 3 'Structure model' 'Version format compliance' 
3 4 'Structure model' 'Data collection'           
4 4 'Structure model' 'Database references'       
5 4 'Structure model' 'Derived calculations'      
# 
loop_
_pdbx_audit_revision_category.ordinal 
_pdbx_audit_revision_category.revision_ordinal 
_pdbx_audit_revision_category.data_content_type 
_pdbx_audit_revision_category.category 
1 4 'Structure model' chem_comp_atom 
2 4 'Structure model' chem_comp_bond 
3 4 'Structure model' database_2     
4 4 'Structure model' struct_site    
# 
loop_
_pdbx_audit_revision_item.ordinal 
_pdbx_audit_revision_item.revision_ordinal 
_pdbx_audit_revision_item.data_content_type 
_pdbx_audit_revision_item.item 
1 4 'Structure model' '_database_2.pdbx_DOI'                
2 4 'Structure model' '_database_2.pdbx_database_accession' 
3 4 'Structure model' '_struct_site.pdbx_auth_asym_id'      
4 4 'Structure model' '_struct_site.pdbx_auth_comp_id'      
5 4 'Structure model' '_struct_site.pdbx_auth_seq_id'       
# 
_pdbx_database_status.status_code                     REL 
_pdbx_database_status.entry_id                        276D 
_pdbx_database_status.recvd_initial_deposition_date   1996-07-22 
_pdbx_database_status.deposit_site                    NDB 
_pdbx_database_status.process_site                    NDB 
_pdbx_database_status.SG_entry                        . 
_pdbx_database_status.pdb_format_compatible           Y 
_pdbx_database_status.status_code_mr                  ? 
_pdbx_database_status.status_code_sf                  ? 
_pdbx_database_status.status_code_cs                  ? 
_pdbx_database_status.status_code_nmr_data            ? 
_pdbx_database_status.methods_development_category    ? 
# 
loop_
_audit_author.name 
_audit_author.pdbx_ordinal 
'Gao, Y.-G.'    1 
'Priebe, W.'    2 
'Wang, A.H.-J.' 3 
# 
_citation.id                        primary 
_citation.title                     
;Substitutions at C2' of daunosamine in the anticancer drug daunorubicin alter its DNA-binding sequence specificity.
;
_citation.journal_abbrev            Eur.J.Biochem. 
_citation.journal_volume            240 
_citation.page_first                331 
_citation.page_last                 335 
_citation.year                      1996 
_citation.journal_id_ASTM           EJBCAI 
_citation.country                   IX 
_citation.journal_id_ISSN           0014-2956 
_citation.journal_id_CSD            0262 
_citation.book_publisher            ? 
_citation.pdbx_database_id_PubMed   8841395 
_citation.pdbx_database_id_DOI      10.1111/j.1432-1033.1996.0331h.x 
# 
loop_
_citation_author.citation_id 
_citation_author.name 
_citation_author.ordinal 
_citation_author.identifier_ORCID 
primary 'Gao, Y.G.'  1 ? 
primary 'Priebe, W.' 2 ? 
primary 'Wang, A.H.' 3 ? 
# 
loop_
_entity.id 
_entity.type 
_entity.src_method 
_entity.pdbx_description 
_entity.formula_weight 
_entity.pdbx_number_of_molecules 
_entity.pdbx_ec 
_entity.pdbx_mutation 
_entity.pdbx_fragment 
_entity.details 
1 polymer     syn 
;DNA (5'-D(*CP*GP*AP*TP*CP*G)-3')
;
1809.217 1  ? ? ? ? 
2 non-polymer syn "2'-BROMO-4'-EPIDAUNORUBICIN"      606.416  1  ? ? ? 
;2'-BROMO-4'-EPIDAUNORUBICIN IS A DAUNORUBICIN DERIVATIVE
WHICH HAS ALPHA-MANNO CONFIGURATION.  IT HAS SIMILAR
ACTIVITY TO DAUNORUBICIN AND EXHIBITS PROMISING ACTIVITY
TOWARD MULTIDRUG RESISTANT CELLS.
;
3 water       nat water                              18.015   45 ? ? ? ? 
# 
_entity_poly.entity_id                      1 
_entity_poly.type                           polydeoxyribonucleotide 
_entity_poly.nstd_linkage                   no 
_entity_poly.nstd_monomer                   no 
_entity_poly.pdbx_seq_one_letter_code       '(DC)(DG)(DA)(DT)(DC)(DG)' 
_entity_poly.pdbx_seq_one_letter_code_can   CGATCG 
_entity_poly.pdbx_strand_id                 A 
_entity_poly.pdbx_target_identifier         ? 
# 
loop_
_pdbx_entity_nonpoly.entity_id 
_pdbx_entity_nonpoly.name 
_pdbx_entity_nonpoly.comp_id 
2 "2'-BROMO-4'-EPIDAUNORUBICIN" DM8 
3 water                         HOH 
# 
loop_
_entity_poly_seq.entity_id 
_entity_poly_seq.num 
_entity_poly_seq.mon_id 
_entity_poly_seq.hetero 
1 1 DC n 
1 2 DG n 
1 3 DA n 
1 4 DT n 
1 5 DC n 
1 6 DG n 
# 
loop_
_chem_comp.id 
_chem_comp.type 
_chem_comp.mon_nstd_flag 
_chem_comp.name 
_chem_comp.pdbx_synonyms 
_chem_comp.formula 
_chem_comp.formula_weight 
DA  'DNA linking' y "2'-DEOXYADENOSINE-5'-MONOPHOSPHATE" ?                                                       'C10 H14 N5 O6 P' 
331.222 
DC  'DNA linking' y "2'-DEOXYCYTIDINE-5'-MONOPHOSPHATE"  ?                                                       'C9 H14 N3 O7 P' 
307.197 
DG  'DNA linking' y "2'-DEOXYGUANOSINE-5'-MONOPHOSPHATE" ?                                                       'C10 H14 N5 O7 P' 
347.221 
DM8 non-polymer   . "2'-BROMO-4'-EPIDAUNORUBICIN"        'WP401; DAUNOMYCIN DERIVATIVE; DAUNORUBICIN DERIVATIVE' 
'C27 H28 Br N O10' 606.416 
DT  'DNA linking' y "THYMIDINE-5'-MONOPHOSPHATE"         ?                                                       'C10 H15 N2 O8 P' 
322.208 
HOH non-polymer   . WATER                                ?                                                       'H2 O' 18.015  
# 
loop_
_pdbx_poly_seq_scheme.asym_id 
_pdbx_poly_seq_scheme.entity_id 
_pdbx_poly_seq_scheme.seq_id 
_pdbx_poly_seq_scheme.mon_id 
_pdbx_poly_seq_scheme.ndb_seq_num 
_pdbx_poly_seq_scheme.pdb_seq_num 
_pdbx_poly_seq_scheme.auth_seq_num 
_pdbx_poly_seq_scheme.pdb_mon_id 
_pdbx_poly_seq_scheme.auth_mon_id 
_pdbx_poly_seq_scheme.pdb_strand_id 
_pdbx_poly_seq_scheme.pdb_ins_code 
_pdbx_poly_seq_scheme.hetero 
A 1 1 DC 1 1 1 DC C A . n 
A 1 2 DG 2 2 2 DG G A . n 
A 1 3 DA 3 3 3 DA A A . n 
A 1 4 DT 4 4 4 DT T A . n 
A 1 5 DC 5 5 5 DC C A . n 
A 1 6 DG 6 6 6 DG G A . n 
# 
loop_
_pdbx_nonpoly_scheme.asym_id 
_pdbx_nonpoly_scheme.entity_id 
_pdbx_nonpoly_scheme.mon_id 
_pdbx_nonpoly_scheme.ndb_seq_num 
_pdbx_nonpoly_scheme.pdb_seq_num 
_pdbx_nonpoly_scheme.auth_seq_num 
_pdbx_nonpoly_scheme.pdb_mon_id 
_pdbx_nonpoly_scheme.auth_mon_id 
_pdbx_nonpoly_scheme.pdb_strand_id 
_pdbx_nonpoly_scheme.pdb_ins_code 
B 2 DM8 1  7  7  DM8 DM8 A . 
C 3 HOH 1  8  8  HOH HOH A . 
C 3 HOH 2  9  9  HOH HOH A . 
C 3 HOH 3  10 10 HOH HOH A . 
C 3 HOH 4  11 11 HOH HOH A . 
C 3 HOH 5  12 12 HOH HOH A . 
C 3 HOH 6  13 13 HOH HOH A . 
C 3 HOH 7  14 14 HOH HOH A . 
C 3 HOH 8  15 15 HOH HOH A . 
C 3 HOH 9  16 16 HOH HOH A . 
C 3 HOH 10 17 17 HOH HOH A . 
C 3 HOH 11 18 18 HOH HOH A . 
C 3 HOH 12 19 19 HOH HOH A . 
C 3 HOH 13 20 20 HOH HOH A . 
C 3 HOH 14 21 21 HOH HOH A . 
C 3 HOH 15 22 22 HOH HOH A . 
C 3 HOH 16 23 23 HOH HOH A . 
C 3 HOH 17 24 24 HOH HOH A . 
C 3 HOH 18 25 25 HOH HOH A . 
C 3 HOH 19 26 26 HOH HOH A . 
C 3 HOH 20 27 27 HOH HOH A . 
C 3 HOH 21 28 28 HOH HOH A . 
C 3 HOH 22 29 29 HOH HOH A . 
C 3 HOH 23 30 30 HOH HOH A . 
C 3 HOH 24 31 31 HOH HOH A . 
C 3 HOH 25 32 32 HOH HOH A . 
C 3 HOH 26 33 33 HOH HOH A . 
C 3 HOH 27 34 34 HOH HOH A . 
C 3 HOH 28 35 35 HOH HOH A . 
C 3 HOH 29 36 36 HOH HOH A . 
C 3 HOH 30 37 37 HOH HOH A . 
C 3 HOH 31 38 38 HOH HOH A . 
C 3 HOH 32 39 39 HOH HOH A . 
C 3 HOH 33 40 40 HOH HOH A . 
C 3 HOH 34 41 41 HOH HOH A . 
C 3 HOH 35 42 42 HOH HOH A . 
C 3 HOH 36 43 43 HOH HOH A . 
C 3 HOH 37 44 44 HOH HOH A . 
C 3 HOH 38 45 45 HOH HOH A . 
C 3 HOH 39 46 46 HOH HOH A . 
C 3 HOH 40 47 47 HOH HOH A . 
C 3 HOH 41 48 48 HOH HOH A . 
C 3 HOH 42 49 49 HOH HOH A . 
C 3 HOH 43 50 50 HOH HOH A . 
C 3 HOH 44 51 51 HOH HOH A . 
C 3 HOH 45 52 52 HOH HOH A . 
# 
loop_
_software.name 
_software.classification 
_software.version 
_software.citation_id 
_software.pdbx_ordinal 
MSC    'data collection' . ? 1 
NUCLSQ refinement        . ? 2 
MSC    'data reduction'  . ? 3 
# 
_cell.entry_id           276D 
_cell.length_a           28.090 
_cell.length_b           28.090 
_cell.length_c           53.380 
_cell.angle_alpha        90.00 
_cell.angle_beta         90.00 
_cell.angle_gamma        90.00 
_cell.Z_PDB              8 
_cell.pdbx_unique_axis   ? 
# 
_symmetry.entry_id                         276D 
_symmetry.space_group_name_H-M             'P 41 21 2' 
_symmetry.pdbx_full_space_group_name_H-M   ? 
_symmetry.cell_setting                     ? 
_symmetry.Int_Tables_number                92 
# 
_exptl.entry_id          276D 
_exptl.method            'X-RAY DIFFRACTION' 
_exptl.crystals_number   ? 
# 
_exptl_crystal.id                    1 
_exptl_crystal.density_meas          ? 
_exptl_crystal.density_percent_sol   55.86 
_exptl_crystal.density_Matthews      2.79 
_exptl_crystal.description           ? 
# 
_exptl_crystal_grow.crystal_id      1 
_exptl_crystal_grow.method          'VAPOR DIFFUSION' 
_exptl_crystal_grow.temp            298.00 
_exptl_crystal_grow.temp_details    'ROOM TEMPERATURE' 
_exptl_crystal_grow.pH              6.00 
_exptl_crystal_grow.pdbx_details    'pH 6.00, VAPOR DIFFUSION, temperature 298.00K' 
_exptl_crystal_grow.pdbx_pH_range   . 
# 
loop_
_exptl_crystal_grow_comp.crystal_id 
_exptl_crystal_grow_comp.id 
_exptl_crystal_grow_comp.sol_id 
_exptl_crystal_grow_comp.name 
_exptl_crystal_grow_comp.volume 
_exptl_crystal_grow_comp.conc 
_exptl_crystal_grow_comp.details 
1 1 1 WATER           ? ? ? 
1 2 1 MPD             ? ? ? 
1 3 1 BACL2           ? ? ? 
1 4 1 'NA CACODYLATE' ? ? ? 
1 5 1 SPERMINE        ? ? ? 
1 6 2 WATER           ? ? ? 
1 7 2 MPD             ? ? ? 
# 
_diffrn.id                     1 
_diffrn.ambient_temp           293.00 
_diffrn.ambient_temp_details   ? 
_diffrn.crystal_id             1 
# 
_diffrn_detector.diffrn_id              1 
_diffrn_detector.detector               'IMAGE PLATE' 
_diffrn_detector.type                   'RIGAKU RAXIS IIC' 
_diffrn_detector.pdbx_collection_date   1995-07-12 
_diffrn_detector.details                ? 
# 
_diffrn_radiation.diffrn_id                        1 
_diffrn_radiation.wavelength_id                    1 
_diffrn_radiation.pdbx_monochromatic_or_laue_m_l   M 
_diffrn_radiation.monochromator                    ? 
_diffrn_radiation.pdbx_diffrn_protocol             'SINGLE WAVELENGTH' 
_diffrn_radiation.pdbx_scattering_type             x-ray 
# 
_diffrn_radiation_wavelength.id           1 
_diffrn_radiation_wavelength.wavelength   . 
_diffrn_radiation_wavelength.wt           1.0 
# 
_diffrn_source.diffrn_id                   1 
_diffrn_source.source                      'ROTATING ANODE' 
_diffrn_source.type                        'RIGAKU RU200' 
_diffrn_source.pdbx_synchrotron_site       ? 
_diffrn_source.pdbx_synchrotron_beamline   ? 
_diffrn_source.pdbx_wavelength             ? 
_diffrn_source.pdbx_wavelength_list        ? 
# 
_reflns.entry_id                     276D 
_reflns.observed_criterion_sigma_I   ? 
_reflns.observed_criterion_sigma_F   ? 
_reflns.d_resolution_low             ? 
_reflns.d_resolution_high            ? 
_reflns.number_obs                   ? 
_reflns.number_all                   ? 
_reflns.percent_possible_obs         ? 
_reflns.pdbx_Rmerge_I_obs            0.044 
_reflns.pdbx_Rsym_value              ? 
_reflns.pdbx_netI_over_sigmaI        ? 
_reflns.B_iso_Wilson_estimate        ? 
_reflns.pdbx_redundancy              4.000 
_reflns.R_free_details               ? 
_reflns.pdbx_diffrn_id               1 
_reflns.pdbx_ordinal                 1 
# 
_refine.entry_id                                 276D 
_refine.ls_number_reflns_obs                     1915 
_refine.ls_number_reflns_all                     ? 
_refine.pdbx_ls_sigma_I                          ? 
_refine.pdbx_ls_sigma_F                          4.000 
_refine.pdbx_data_cutoff_high_absF               ? 
_refine.pdbx_data_cutoff_low_absF                ? 
_refine.pdbx_data_cutoff_high_rms_absF           ? 
_refine.ls_d_res_low                             10.000 
_refine.ls_d_res_high                            1.800 
_refine.ls_percent_reflns_obs                    ? 
_refine.ls_R_factor_obs                          0.207 
_refine.ls_R_factor_all                          ? 
_refine.ls_R_factor_R_work                       ? 
_refine.ls_R_factor_R_free                       ? 
_refine.ls_R_factor_R_free_error                 ? 
_refine.ls_R_factor_R_free_error_details         ? 
_refine.ls_percent_reflns_R_free                 ? 
_refine.ls_number_reflns_R_free                  ? 
_refine.ls_number_parameters                     ? 
_refine.ls_number_restraints                     ? 
_refine.occupancy_min                            ? 
_refine.occupancy_max                            ? 
_refine.B_iso_mean                               ? 
_refine.aniso_B[1][1]                            ? 
_refine.aniso_B[2][2]                            ? 
_refine.aniso_B[3][3]                            ? 
_refine.aniso_B[1][2]                            ? 
_refine.aniso_B[1][3]                            ? 
_refine.aniso_B[2][3]                            ? 
_refine.solvent_model_details                    ? 
_refine.solvent_model_param_ksol                 ? 
_refine.solvent_model_param_bsol                 ? 
_refine.pdbx_ls_cross_valid_method               ? 
_refine.details                                  ? 
_refine.pdbx_starting_model                      ? 
_refine.pdbx_method_to_determine_struct          ? 
_refine.pdbx_isotropic_thermal_model             ? 
_refine.pdbx_stereochemistry_target_values       ? 
_refine.pdbx_stereochem_target_val_spec_case     ? 
_refine.pdbx_R_Free_selection_details            ? 
_refine.pdbx_overall_ESU_R                       ? 
_refine.pdbx_overall_ESU_R_Free                  ? 
_refine.overall_SU_ML                            ? 
_refine.overall_SU_B                             ? 
_refine.ls_redundancy_reflns_obs                 ? 
_refine.correlation_coeff_Fo_to_Fc               ? 
_refine.correlation_coeff_Fo_to_Fc_free          ? 
_refine.pdbx_solvent_vdw_probe_radii             ? 
_refine.pdbx_solvent_ion_probe_radii             ? 
_refine.pdbx_solvent_shrinkage_radii             ? 
_refine.overall_SU_R_Cruickshank_DPI             ? 
_refine.overall_SU_R_free                        ? 
_refine.pdbx_refine_id                           'X-RAY DIFFRACTION' 
_refine.pdbx_diffrn_id                           1 
_refine.pdbx_TLS_residual_ADP_flag               ? 
_refine.pdbx_overall_phase_error                 ? 
_refine.pdbx_overall_SU_R_free_Cruickshank_DPI   ? 
_refine.pdbx_overall_SU_R_Blow_DPI               ? 
_refine.pdbx_overall_SU_R_free_Blow_DPI          ? 
# 
_refine_hist.pdbx_refine_id                   'X-RAY DIFFRACTION' 
_refine_hist.cycle_id                         LAST 
_refine_hist.pdbx_number_atoms_protein        0 
_refine_hist.pdbx_number_atoms_nucleic_acid   120 
_refine_hist.pdbx_number_atoms_ligand         39 
_refine_hist.number_atoms_solvent             45 
_refine_hist.number_atoms_total               204 
_refine_hist.d_res_high                       1.800 
_refine_hist.d_res_low                        10.000 
# 
loop_
_refine_ls_restr.type 
_refine_ls_restr.dev_ideal 
_refine_ls_restr.dev_ideal_target 
_refine_ls_restr.weight 
_refine_ls_restr.number 
_refine_ls_restr.pdbx_refine_id 
_refine_ls_restr.pdbx_restraint_function 
n_bond_d               0.020 ? ? ? 'X-RAY DIFFRACTION' ? 
n_angle_d              ?     ? ? ? 'X-RAY DIFFRACTION' ? 
n_planar_d             ?     ? ? ? 'X-RAY DIFFRACTION' ? 
n_hb_or_metal_coord    ?     ? ? ? 'X-RAY DIFFRACTION' ? 
n_sugar_bond_it        ?     ? ? ? 'X-RAY DIFFRACTION' ? 
n_sugar_angle_it       ?     ? ? ? 'X-RAY DIFFRACTION' ? 
n_phos_bond_it         ?     ? ? ? 'X-RAY DIFFRACTION' ? 
n_phos_angle_it        ?     ? ? ? 'X-RAY DIFFRACTION' ? 
n_bond_angle_restr     ?     ? ? ? 'X-RAY DIFFRACTION' ? 
n_dihedral_angle_restr ?     ? ? ? 'X-RAY DIFFRACTION' ? 
n_impr_tor             ?     ? ? ? 'X-RAY DIFFRACTION' ? 
n_sugar_bond_d         ?     ? ? ? 'X-RAY DIFFRACTION' ? 
n_sugar_bond_angle_d   ?     ? ? ? 'X-RAY DIFFRACTION' ? 
n_phos_bond_d          ?     ? ? ? 'X-RAY DIFFRACTION' ? 
n_phos_bond_angle_d    ?     ? ? ? 'X-RAY DIFFRACTION' ? 
n_plane_restr          ?     ? ? ? 'X-RAY DIFFRACTION' ? 
n_chiral_restr         ?     ? ? ? 'X-RAY DIFFRACTION' ? 
n_singtor_nbd          ?     ? ? ? 'X-RAY DIFFRACTION' ? 
n_multtor_nbd          ?     ? ? ? 'X-RAY DIFFRACTION' ? 
n_xhyhbond_nbd         ?     ? ? ? 'X-RAY DIFFRACTION' ? 
# 
_struct.entry_id                  276D 
_struct.title                     
;SUBSTITUTIONS AT C2' OF DAUNOSAMINE IN THE ANTICANCER DAUNORUBICIN ALTER ITS DNA-BINDING SEQUENCE SPECIFICITY
;
_struct.pdbx_model_details        ? 
_struct.pdbx_CASP_flag            ? 
_struct.pdbx_model_type_details   ? 
# 
_struct_keywords.entry_id        276D 
_struct_keywords.pdbx_keywords   DNA 
_struct_keywords.text            'RIGHT HANDED DNA, DOUBLE HELIX, COMPLEXED WITH DRUG, DNA' 
# 
loop_
_struct_asym.id 
_struct_asym.pdbx_blank_PDB_chainid_flag 
_struct_asym.pdbx_modified 
_struct_asym.entity_id 
_struct_asym.details 
A N N 1 ? 
B N N 2 ? 
C N N 3 ? 
# 
_struct_ref.id                         1 
_struct_ref.entity_id                  1 
_struct_ref.db_name                    PDB 
_struct_ref.db_code                    276D 
_struct_ref.pdbx_db_accession          276D 
_struct_ref.pdbx_db_isoform            ? 
_struct_ref.pdbx_seq_one_letter_code   ? 
_struct_ref.pdbx_align_begin           ? 
# 
_struct_ref_seq.align_id                      1 
_struct_ref_seq.ref_id                        1 
_struct_ref_seq.pdbx_PDB_id_code              276D 
_struct_ref_seq.pdbx_strand_id                A 
_struct_ref_seq.seq_align_beg                 1 
_struct_ref_seq.pdbx_seq_align_beg_ins_code   ? 
_struct_ref_seq.seq_align_end                 6 
_struct_ref_seq.pdbx_seq_align_end_ins_code   ? 
_struct_ref_seq.pdbx_db_accession             276D 
_struct_ref_seq.db_align_beg                  1 
_struct_ref_seq.pdbx_db_align_beg_ins_code    ? 
_struct_ref_seq.db_align_end                  6 
_struct_ref_seq.pdbx_db_align_end_ins_code    ? 
_struct_ref_seq.pdbx_auth_seq_align_beg       1 
_struct_ref_seq.pdbx_auth_seq_align_end       6 
# 
_pdbx_struct_assembly.id                   1 
_pdbx_struct_assembly.details              author_defined_assembly 
_pdbx_struct_assembly.method_details       ? 
_pdbx_struct_assembly.oligomeric_details   dimeric 
_pdbx_struct_assembly.oligomeric_count     2 
# 
_pdbx_struct_assembly_gen.assembly_id       1 
_pdbx_struct_assembly_gen.oper_expression   1,2 
_pdbx_struct_assembly_gen.asym_id_list      A,B,C 
# 
loop_
_pdbx_struct_oper_list.id 
_pdbx_struct_oper_list.type 
_pdbx_struct_oper_list.name 
_pdbx_struct_oper_list.symmetry_operation 
_pdbx_struct_oper_list.matrix[1][1] 
_pdbx_struct_oper_list.matrix[1][2] 
_pdbx_struct_oper_list.matrix[1][3] 
_pdbx_struct_oper_list.vector[1] 
_pdbx_struct_oper_list.matrix[2][1] 
_pdbx_struct_oper_list.matrix[2][2] 
_pdbx_struct_oper_list.matrix[2][3] 
_pdbx_struct_oper_list.vector[2] 
_pdbx_struct_oper_list.matrix[3][1] 
_pdbx_struct_oper_list.matrix[3][2] 
_pdbx_struct_oper_list.matrix[3][3] 
_pdbx_struct_oper_list.vector[3] 
1 'identity operation'         1_555 x,y,z            1.0000000000 0.0000000000 0.0000000000  0.0000000000 0.0000000000 1.0000000000  0.0000000000  0.0000000000  0.0000000000  0.0000000000  1.0000000000  0.0000000000 
2 'crystal symmetry operation' 8_665 -y+1,-x+1,-z+1/2 0.9154168985 0.3443070466 -0.2084815571 1.2270550454 0.3443070466 -0.9381088564 -0.0374757418 -3.6441465777 -0.2084815571 -0.0374757418 -0.9773080421 5.2552208392 
# 
_struct_biol.id                    1 
_struct_biol.pdbx_parent_biol_id   ? 
_struct_biol.details               ? 
# 
loop_
_struct_conn.id 
_struct_conn.conn_type_id 
_struct_conn.pdbx_leaving_atom_flag 
_struct_conn.pdbx_PDB_id 
_struct_conn.ptnr1_label_asym_id 
_struct_conn.ptnr1_label_comp_id 
_struct_conn.ptnr1_label_seq_id 
_struct_conn.ptnr1_label_atom_id 
_struct_conn.pdbx_ptnr1_label_alt_id 
_struct_conn.pdbx_ptnr1_PDB_ins_code 
_struct_conn.pdbx_ptnr1_standard_comp_id 
_struct_conn.ptnr1_symmetry 
_struct_conn.ptnr2_label_asym_id 
_struct_conn.ptnr2_label_comp_id 
_struct_conn.ptnr2_label_seq_id 
_struct_conn.ptnr2_label_atom_id 
_struct_conn.pdbx_ptnr2_label_alt_id 
_struct_conn.pdbx_ptnr2_PDB_ins_code 
_struct_conn.ptnr1_auth_asym_id 
_struct_conn.ptnr1_auth_comp_id 
_struct_conn.ptnr1_auth_seq_id 
_struct_conn.ptnr2_auth_asym_id 
_struct_conn.ptnr2_auth_comp_id 
_struct_conn.ptnr2_auth_seq_id 
_struct_conn.ptnr2_symmetry 
_struct_conn.pdbx_ptnr3_label_atom_id 
_struct_conn.pdbx_ptnr3_label_seq_id 
_struct_conn.pdbx_ptnr3_label_comp_id 
_struct_conn.pdbx_ptnr3_label_asym_id 
_struct_conn.pdbx_ptnr3_label_alt_id 
_struct_conn.pdbx_ptnr3_PDB_ins_code 
_struct_conn.details 
_struct_conn.pdbx_dist_value 
_struct_conn.pdbx_value_order 
_struct_conn.pdbx_role 
hydrog1  hydrog ? ? A DC 1 N3 ? ? ? 1_555 A DG 6 N1 ? ? A DC 1 A DG 6 8_665 ? ? ? ? ? ? WATSON-CRICK ? ? ? 
hydrog2  hydrog ? ? A DC 1 N4 ? ? ? 1_555 A DG 6 O6 ? ? A DC 1 A DG 6 8_665 ? ? ? ? ? ? WATSON-CRICK ? ? ? 
hydrog3  hydrog ? ? A DC 1 O2 ? ? ? 1_555 A DG 6 N2 ? ? A DC 1 A DG 6 8_665 ? ? ? ? ? ? WATSON-CRICK ? ? ? 
hydrog4  hydrog ? ? A DG 2 N1 ? ? ? 1_555 A DC 5 N3 ? ? A DG 2 A DC 5 8_665 ? ? ? ? ? ? WATSON-CRICK ? ? ? 
hydrog5  hydrog ? ? A DG 2 N2 ? ? ? 1_555 A DC 5 O2 ? ? A DG 2 A DC 5 8_665 ? ? ? ? ? ? WATSON-CRICK ? ? ? 
hydrog6  hydrog ? ? A DG 2 O6 ? ? ? 1_555 A DC 5 N4 ? ? A DG 2 A DC 5 8_665 ? ? ? ? ? ? WATSON-CRICK ? ? ? 
hydrog7  hydrog ? ? A DA 3 N1 ? ? ? 1_555 A DT 4 N3 ? ? A DA 3 A DT 4 8_665 ? ? ? ? ? ? WATSON-CRICK ? ? ? 
hydrog8  hydrog ? ? A DA 3 N6 ? ? ? 1_555 A DT 4 O4 ? ? A DA 3 A DT 4 8_665 ? ? ? ? ? ? WATSON-CRICK ? ? ? 
hydrog9  hydrog ? ? A DT 4 N3 ? ? ? 1_555 A DA 3 N1 ? ? A DT 4 A DA 3 8_665 ? ? ? ? ? ? WATSON-CRICK ? ? ? 
hydrog10 hydrog ? ? A DT 4 O4 ? ? ? 1_555 A DA 3 N6 ? ? A DT 4 A DA 3 8_665 ? ? ? ? ? ? WATSON-CRICK ? ? ? 
hydrog11 hydrog ? ? A DC 5 N3 ? ? ? 1_555 A DG 2 N1 ? ? A DC 5 A DG 2 8_665 ? ? ? ? ? ? WATSON-CRICK ? ? ? 
hydrog12 hydrog ? ? A DC 5 N4 ? ? ? 1_555 A DG 2 O6 ? ? A DC 5 A DG 2 8_665 ? ? ? ? ? ? WATSON-CRICK ? ? ? 
hydrog13 hydrog ? ? A DC 5 O2 ? ? ? 1_555 A DG 2 N2 ? ? A DC 5 A DG 2 8_665 ? ? ? ? ? ? WATSON-CRICK ? ? ? 
hydrog14 hydrog ? ? A DG 6 N1 ? ? ? 1_555 A DC 1 N3 ? ? A DG 6 A DC 1 8_665 ? ? ? ? ? ? WATSON-CRICK ? ? ? 
hydrog15 hydrog ? ? A DG 6 N2 ? ? ? 1_555 A DC 1 O2 ? ? A DG 6 A DC 1 8_665 ? ? ? ? ? ? WATSON-CRICK ? ? ? 
hydrog16 hydrog ? ? A DG 6 O6 ? ? ? 1_555 A DC 1 N4 ? ? A DG 6 A DC 1 8_665 ? ? ? ? ? ? WATSON-CRICK ? ? ? 
# 
_struct_conn_type.id          hydrog 
_struct_conn_type.criteria    ? 
_struct_conn_type.reference   ? 
# 
loop_
_struct_site.id 
_struct_site.pdbx_evidence_code 
_struct_site.pdbx_auth_asym_id 
_struct_site.pdbx_auth_comp_id 
_struct_site.pdbx_auth_seq_id 
_struct_site.pdbx_auth_ins_code 
_struct_site.pdbx_num_residues 
_struct_site.details 
AC1                 Software A DM8 7 ? 11 'BINDING SITE FOR RESIDUE DM8 A 7' 
'DRUG BINDING SITE' ?        ? ?   ? ? ?  ?                                  
# 
loop_
_struct_site_gen.id 
_struct_site_gen.site_id 
_struct_site_gen.pdbx_num_res 
_struct_site_gen.label_comp_id 
_struct_site_gen.label_asym_id 
_struct_site_gen.label_seq_id 
_struct_site_gen.pdbx_auth_ins_code 
_struct_site_gen.auth_comp_id 
_struct_site_gen.auth_asym_id 
_struct_site_gen.auth_seq_id 
_struct_site_gen.label_atom_id 
_struct_site_gen.label_alt_id 
_struct_site_gen.symmetry 
_struct_site_gen.details 
1  AC1 11 DC  A 1 ? DC  A 1  . ? 8_665 ? 
2  AC1 11 DG  A 2 ? DG  A 2  . ? 8_665 ? 
3  AC1 11 DA  A 3 ? DA  A 3  . ? 8_665 ? 
4  AC1 11 DT  A 4 ? DT  A 4  . ? 8_665 ? 
5  AC1 11 DC  A 5 ? DC  A 5  . ? 1_555 ? 
6  AC1 11 DG  A 6 ? DG  A 6  . ? 1_555 ? 
7  AC1 11 HOH C . ? HOH A 9  . ? 1_555 ? 
8  AC1 11 HOH C . ? HOH A 19 . ? 1_555 ? 
9  AC1 11 HOH C . ? HOH A 29 . ? 1_555 ? 
10 AC1 11 HOH C . ? HOH A 34 . ? 1_555 ? 
11 AC1 11 HOH C . ? HOH A 50 . ? 1_555 ? 
# 
_pdbx_validate_close_contact.id               1 
_pdbx_validate_close_contact.PDB_model_num    1 
_pdbx_validate_close_contact.auth_atom_id_1   OP1 
_pdbx_validate_close_contact.auth_asym_id_1   A 
_pdbx_validate_close_contact.auth_comp_id_1   DA 
_pdbx_validate_close_contact.auth_seq_id_1    3 
_pdbx_validate_close_contact.PDB_ins_code_1   ? 
_pdbx_validate_close_contact.label_alt_id_1   ? 
_pdbx_validate_close_contact.auth_atom_id_2   O 
_pdbx_validate_close_contact.auth_asym_id_2   A 
_pdbx_validate_close_contact.auth_comp_id_2   HOH 
_pdbx_validate_close_contact.auth_seq_id_2    12 
_pdbx_validate_close_contact.PDB_ins_code_2   ? 
_pdbx_validate_close_contact.label_alt_id_2   ? 
_pdbx_validate_close_contact.dist             2.05 
# 
loop_
_pdbx_validate_rmsd_bond.id 
_pdbx_validate_rmsd_bond.PDB_model_num 
_pdbx_validate_rmsd_bond.auth_atom_id_1 
_pdbx_validate_rmsd_bond.auth_asym_id_1 
_pdbx_validate_rmsd_bond.auth_comp_id_1 
_pdbx_validate_rmsd_bond.auth_seq_id_1 
_pdbx_validate_rmsd_bond.PDB_ins_code_1 
_pdbx_validate_rmsd_bond.label_alt_id_1 
_pdbx_validate_rmsd_bond.auth_atom_id_2 
_pdbx_validate_rmsd_bond.auth_asym_id_2 
_pdbx_validate_rmsd_bond.auth_comp_id_2 
_pdbx_validate_rmsd_bond.auth_seq_id_2 
_pdbx_validate_rmsd_bond.PDB_ins_code_2 
_pdbx_validate_rmsd_bond.label_alt_id_2 
_pdbx_validate_rmsd_bond.bond_value 
_pdbx_validate_rmsd_bond.bond_target_value 
_pdbx_validate_rmsd_bond.bond_deviation 
_pdbx_validate_rmsd_bond.bond_standard_deviation 
_pdbx_validate_rmsd_bond.linker_flag 
1 1 P     A DG 2 ? ? "O5'" A DG 2 ? ? 1.660 1.593 0.067 0.010 N 
2 1 "O3'" A DA 3 ? ? P     A DT 4 ? ? 1.690 1.607 0.083 0.012 Y 
3 1 "O3'" A DT 4 ? ? P     A DC 5 ? ? 1.704 1.607 0.097 0.012 Y 
4 1 P     A DC 5 ? ? "O5'" A DC 5 ? ? 1.679 1.593 0.086 0.010 N 
# 
loop_
_pdbx_validate_rmsd_angle.id 
_pdbx_validate_rmsd_angle.PDB_model_num 
_pdbx_validate_rmsd_angle.auth_atom_id_1 
_pdbx_validate_rmsd_angle.auth_asym_id_1 
_pdbx_validate_rmsd_angle.auth_comp_id_1 
_pdbx_validate_rmsd_angle.auth_seq_id_1 
_pdbx_validate_rmsd_angle.PDB_ins_code_1 
_pdbx_validate_rmsd_angle.label_alt_id_1 
_pdbx_validate_rmsd_angle.auth_atom_id_2 
_pdbx_validate_rmsd_angle.auth_asym_id_2 
_pdbx_validate_rmsd_angle.auth_comp_id_2 
_pdbx_validate_rmsd_angle.auth_seq_id_2 
_pdbx_validate_rmsd_angle.PDB_ins_code_2 
_pdbx_validate_rmsd_angle.label_alt_id_2 
_pdbx_validate_rmsd_angle.auth_atom_id_3 
_pdbx_validate_rmsd_angle.auth_asym_id_3 
_pdbx_validate_rmsd_angle.auth_comp_id_3 
_pdbx_validate_rmsd_angle.auth_seq_id_3 
_pdbx_validate_rmsd_angle.PDB_ins_code_3 
_pdbx_validate_rmsd_angle.label_alt_id_3 
_pdbx_validate_rmsd_angle.angle_value 
_pdbx_validate_rmsd_angle.angle_target_value 
_pdbx_validate_rmsd_angle.angle_deviation 
_pdbx_validate_rmsd_angle.angle_standard_deviation 
_pdbx_validate_rmsd_angle.linker_flag 
1  1 C2    A DC 1 ? ? N3    A DC 1 ? ? C4    A DC 1 ? ? 123.95 119.90 4.05  0.50 N 
2  1 N3    A DC 1 ? ? C4    A DC 1 ? ? C5    A DC 1 ? ? 118.36 121.90 -3.54 0.40 N 
3  1 "C3'" A DC 1 ? ? "O3'" A DC 1 ? ? P     A DG 2 ? ? 138.57 119.70 18.87 1.20 Y 
4  1 "C3'" A DG 2 ? ? "C2'" A DG 2 ? ? "C1'" A DG 2 ? ? 97.58  102.40 -4.82 0.80 N 
5  1 C5    A DG 2 ? ? C6    A DG 2 ? ? N1    A DG 2 ? ? 114.82 111.50 3.32  0.50 N 
6  1 C5    A DG 2 ? ? C6    A DG 2 ? ? O6    A DG 2 ? ? 124.18 128.60 -4.42 0.60 N 
7  1 "C3'" A DG 2 ? ? "O3'" A DG 2 ? ? P     A DA 3 ? ? 140.14 119.70 20.44 1.20 Y 
8  1 "O5'" A DA 3 ? ? "C5'" A DA 3 ? ? "C4'" A DA 3 ? ? 103.46 109.40 -5.94 0.80 N 
9  1 C6    A DA 3 ? ? N1    A DA 3 ? ? C2    A DA 3 ? ? 123.48 118.60 4.88  0.60 N 
10 1 N1    A DA 3 ? ? C2    A DA 3 ? ? N3    A DA 3 ? ? 126.30 129.30 -3.00 0.50 N 
11 1 C5    A DA 3 ? ? C6    A DA 3 ? ? N1    A DA 3 ? ? 112.58 117.70 -5.12 0.50 N 
12 1 N1    A DA 3 ? ? C6    A DA 3 ? ? N6    A DA 3 ? ? 124.81 118.60 6.21  0.60 N 
13 1 OP1   A DT 4 ? ? P     A DT 4 ? ? OP2   A DT 4 ? ? 147.10 119.60 27.50 1.50 N 
14 1 "O5'" A DT 4 ? ? P     A DT 4 ? ? OP2   A DT 4 ? ? 97.08  105.70 -8.62 0.90 N 
15 1 C2    A DT 4 ? ? N3    A DT 4 ? ? C4    A DT 4 ? ? 122.16 127.20 -5.04 0.60 N 
16 1 N3    A DT 4 ? ? C4    A DT 4 ? ? C5    A DT 4 ? ? 120.18 115.20 4.98  0.60 N 
17 1 N3    A DT 4 ? ? C4    A DT 4 ? ? O4    A DT 4 ? ? 115.22 119.90 -4.68 0.60 N 
18 1 "O4'" A DC 5 ? ? "C1'" A DC 5 ? ? N1    A DC 5 ? ? 119.72 108.30 11.42 0.30 N 
19 1 OP1   A DG 6 ? ? P     A DG 6 ? ? OP2   A DG 6 ? ? 134.67 119.60 15.07 1.50 N 
20 1 "O4'" A DG 6 ? ? "C4'" A DG 6 ? ? "C3'" A DG 6 ? ? 100.34 104.50 -4.16 0.40 N 
21 1 C5    A DG 6 ? ? C6    A DG 6 ? ? O6    A DG 6 ? ? 123.91 128.60 -4.69 0.60 N 
# 
_struct_site_keywords.site_id   'DRUG BINDING SITE' 
_struct_site_keywords.text      INTERCALATION 
# 
loop_
_chem_comp_atom.comp_id 
_chem_comp_atom.atom_id 
_chem_comp_atom.type_symbol 
_chem_comp_atom.pdbx_aromatic_flag 
_chem_comp_atom.pdbx_stereo_config 
_chem_comp_atom.pdbx_ordinal 
DA  OP3    O  N N 1   
DA  P      P  N N 2   
DA  OP1    O  N N 3   
DA  OP2    O  N N 4   
DA  "O5'"  O  N N 5   
DA  "C5'"  C  N N 6   
DA  "C4'"  C  N R 7   
DA  "O4'"  O  N N 8   
DA  "C3'"  C  N S 9   
DA  "O3'"  O  N N 10  
DA  "C2'"  C  N N 11  
DA  "C1'"  C  N R 12  
DA  N9     N  Y N 13  
DA  C8     C  Y N 14  
DA  N7     N  Y N 15  
DA  C5     C  Y N 16  
DA  C6     C  Y N 17  
DA  N6     N  N N 18  
DA  N1     N  Y N 19  
DA  C2     C  Y N 20  
DA  N3     N  Y N 21  
DA  C4     C  Y N 22  
DA  HOP3   H  N N 23  
DA  HOP2   H  N N 24  
DA  "H5'"  H  N N 25  
DA  "H5''" H  N N 26  
DA  "H4'"  H  N N 27  
DA  "H3'"  H  N N 28  
DA  "HO3'" H  N N 29  
DA  "H2'"  H  N N 30  
DA  "H2''" H  N N 31  
DA  "H1'"  H  N N 32  
DA  H8     H  N N 33  
DA  H61    H  N N 34  
DA  H62    H  N N 35  
DA  H2     H  N N 36  
DC  OP3    O  N N 37  
DC  P      P  N N 38  
DC  OP1    O  N N 39  
DC  OP2    O  N N 40  
DC  "O5'"  O  N N 41  
DC  "C5'"  C  N N 42  
DC  "C4'"  C  N R 43  
DC  "O4'"  O  N N 44  
DC  "C3'"  C  N S 45  
DC  "O3'"  O  N N 46  
DC  "C2'"  C  N N 47  
DC  "C1'"  C  N R 48  
DC  N1     N  N N 49  
DC  C2     C  N N 50  
DC  O2     O  N N 51  
DC  N3     N  N N 52  
DC  C4     C  N N 53  
DC  N4     N  N N 54  
DC  C5     C  N N 55  
DC  C6     C  N N 56  
DC  HOP3   H  N N 57  
DC  HOP2   H  N N 58  
DC  "H5'"  H  N N 59  
DC  "H5''" H  N N 60  
DC  "H4'"  H  N N 61  
DC  "H3'"  H  N N 62  
DC  "HO3'" H  N N 63  
DC  "H2'"  H  N N 64  
DC  "H2''" H  N N 65  
DC  "H1'"  H  N N 66  
DC  H41    H  N N 67  
DC  H42    H  N N 68  
DC  H5     H  N N 69  
DC  H6     H  N N 70  
DG  OP3    O  N N 71  
DG  P      P  N N 72  
DG  OP1    O  N N 73  
DG  OP2    O  N N 74  
DG  "O5'"  O  N N 75  
DG  "C5'"  C  N N 76  
DG  "C4'"  C  N R 77  
DG  "O4'"  O  N N 78  
DG  "C3'"  C  N S 79  
DG  "O3'"  O  N N 80  
DG  "C2'"  C  N N 81  
DG  "C1'"  C  N R 82  
DG  N9     N  Y N 83  
DG  C8     C  Y N 84  
DG  N7     N  Y N 85  
DG  C5     C  Y N 86  
DG  C6     C  N N 87  
DG  O6     O  N N 88  
DG  N1     N  N N 89  
DG  C2     C  N N 90  
DG  N2     N  N N 91  
DG  N3     N  N N 92  
DG  C4     C  Y N 93  
DG  HOP3   H  N N 94  
DG  HOP2   H  N N 95  
DG  "H5'"  H  N N 96  
DG  "H5''" H  N N 97  
DG  "H4'"  H  N N 98  
DG  "H3'"  H  N N 99  
DG  "HO3'" H  N N 100 
DG  "H2'"  H  N N 101 
DG  "H2''" H  N N 102 
DG  "H1'"  H  N N 103 
DG  H8     H  N N 104 
DG  H1     H  N N 105 
DG  H21    H  N N 106 
DG  H22    H  N N 107 
DM8 C1     C  Y N 108 
DM8 C2     C  Y N 109 
DM8 C3     C  Y N 110 
DM8 C4     C  Y N 111 
DM8 C5     C  N N 112 
DM8 C6     C  Y N 113 
DM8 C7     C  N S 114 
DM8 C8     C  N N 115 
DM8 C9     C  N S 116 
DM8 C10    C  N N 117 
DM8 C11    C  Y N 118 
DM8 C12    C  N N 119 
DM8 C13    C  N N 120 
DM8 C14    C  N N 121 
DM8 C15    C  Y N 122 
DM8 C16    C  Y N 123 
DM8 C17    C  Y N 124 
DM8 C18    C  Y N 125 
DM8 C19    C  Y N 126 
DM8 C20    C  Y N 127 
DM8 C21    C  N N 128 
DM8 O4     O  N N 129 
DM8 O5     O  N N 130 
DM8 O6     O  N N 131 
DM8 O7     O  N N 132 
DM8 O9     O  N N 133 
DM8 O11    O  N N 134 
DM8 O12    O  N N 135 
DM8 O13    O  N N 136 
DM8 "C1'"  C  N R 137 
DM8 "C2'"  C  N R 138 
DM8 "C3'"  C  N R 139 
DM8 "C4'"  C  N R 140 
DM8 "C5'"  C  N S 141 
DM8 "C6'"  C  N N 142 
DM8 "O5'"  O  N N 143 
DM8 "O4'"  O  N N 144 
DM8 "N3'"  N  N N 145 
DM8 BR     BR N N 146 
DM8 H1     H  N N 147 
DM8 H2     H  N N 148 
DM8 H3     H  N N 149 
DM8 H7     H  N N 150 
DM8 H81    H  N N 151 
DM8 H82    H  N N 152 
DM8 H101   H  N N 153 
DM8 H102   H  N N 154 
DM8 H141   H  N N 155 
DM8 H142   H  N N 156 
DM8 H143   H  N N 157 
DM8 H211   H  N N 158 
DM8 H212   H  N N 159 
DM8 H213   H  N N 160 
DM8 H6     H  N N 161 
DM8 H9     H  N N 162 
DM8 H11    H  N N 163 
DM8 "H1'"  H  N N 164 
DM8 "H2'"  H  N N 165 
DM8 "H3'"  H  N N 166 
DM8 "H4'"  H  N N 167 
DM8 "H5'"  H  N N 168 
DM8 "H6'1" H  N N 169 
DM8 "H6'2" H  N N 170 
DM8 "H6'3" H  N N 171 
DM8 "HO4'" H  N N 172 
DM8 "HN'1" H  N N 173 
DM8 "HN'2" H  N N 174 
DT  OP3    O  N N 175 
DT  P      P  N N 176 
DT  OP1    O  N N 177 
DT  OP2    O  N N 178 
DT  "O5'"  O  N N 179 
DT  "C5'"  C  N N 180 
DT  "C4'"  C  N R 181 
DT  "O4'"  O  N N 182 
DT  "C3'"  C  N S 183 
DT  "O3'"  O  N N 184 
DT  "C2'"  C  N N 185 
DT  "C1'"  C  N R 186 
DT  N1     N  N N 187 
DT  C2     C  N N 188 
DT  O2     O  N N 189 
DT  N3     N  N N 190 
DT  C4     C  N N 191 
DT  O4     O  N N 192 
DT  C5     C  N N 193 
DT  C7     C  N N 194 
DT  C6     C  N N 195 
DT  HOP3   H  N N 196 
DT  HOP2   H  N N 197 
DT  "H5'"  H  N N 198 
DT  "H5''" H  N N 199 
DT  "H4'"  H  N N 200 
DT  "H3'"  H  N N 201 
DT  "HO3'" H  N N 202 
DT  "H2'"  H  N N 203 
DT  "H2''" H  N N 204 
DT  "H1'"  H  N N 205 
DT  H3     H  N N 206 
DT  H71    H  N N 207 
DT  H72    H  N N 208 
DT  H73    H  N N 209 
DT  H6     H  N N 210 
HOH O      O  N N 211 
HOH H1     H  N N 212 
HOH H2     H  N N 213 
# 
loop_
_chem_comp_bond.comp_id 
_chem_comp_bond.atom_id_1 
_chem_comp_bond.atom_id_2 
_chem_comp_bond.value_order 
_chem_comp_bond.pdbx_aromatic_flag 
_chem_comp_bond.pdbx_stereo_config 
_chem_comp_bond.pdbx_ordinal 
DA  OP3   P      sing N N 1   
DA  OP3   HOP3   sing N N 2   
DA  P     OP1    doub N N 3   
DA  P     OP2    sing N N 4   
DA  P     "O5'"  sing N N 5   
DA  OP2   HOP2   sing N N 6   
DA  "O5'" "C5'"  sing N N 7   
DA  "C5'" "C4'"  sing N N 8   
DA  "C5'" "H5'"  sing N N 9   
DA  "C5'" "H5''" sing N N 10  
DA  "C4'" "O4'"  sing N N 11  
DA  "C4'" "C3'"  sing N N 12  
DA  "C4'" "H4'"  sing N N 13  
DA  "O4'" "C1'"  sing N N 14  
DA  "C3'" "O3'"  sing N N 15  
DA  "C3'" "C2'"  sing N N 16  
DA  "C3'" "H3'"  sing N N 17  
DA  "O3'" "HO3'" sing N N 18  
DA  "C2'" "C1'"  sing N N 19  
DA  "C2'" "H2'"  sing N N 20  
DA  "C2'" "H2''" sing N N 21  
DA  "C1'" N9     sing N N 22  
DA  "C1'" "H1'"  sing N N 23  
DA  N9    C8     sing Y N 24  
DA  N9    C4     sing Y N 25  
DA  C8    N7     doub Y N 26  
DA  C8    H8     sing N N 27  
DA  N7    C5     sing Y N 28  
DA  C5    C6     sing Y N 29  
DA  C5    C4     doub Y N 30  
DA  C6    N6     sing N N 31  
DA  C6    N1     doub Y N 32  
DA  N6    H61    sing N N 33  
DA  N6    H62    sing N N 34  
DA  N1    C2     sing Y N 35  
DA  C2    N3     doub Y N 36  
DA  C2    H2     sing N N 37  
DA  N3    C4     sing Y N 38  
DC  OP3   P      sing N N 39  
DC  OP3   HOP3   sing N N 40  
DC  P     OP1    doub N N 41  
DC  P     OP2    sing N N 42  
DC  P     "O5'"  sing N N 43  
DC  OP2   HOP2   sing N N 44  
DC  "O5'" "C5'"  sing N N 45  
DC  "C5'" "C4'"  sing N N 46  
DC  "C5'" "H5'"  sing N N 47  
DC  "C5'" "H5''" sing N N 48  
DC  "C4'" "O4'"  sing N N 49  
DC  "C4'" "C3'"  sing N N 50  
DC  "C4'" "H4'"  sing N N 51  
DC  "O4'" "C1'"  sing N N 52  
DC  "C3'" "O3'"  sing N N 53  
DC  "C3'" "C2'"  sing N N 54  
DC  "C3'" "H3'"  sing N N 55  
DC  "O3'" "HO3'" sing N N 56  
DC  "C2'" "C1'"  sing N N 57  
DC  "C2'" "H2'"  sing N N 58  
DC  "C2'" "H2''" sing N N 59  
DC  "C1'" N1     sing N N 60  
DC  "C1'" "H1'"  sing N N 61  
DC  N1    C2     sing N N 62  
DC  N1    C6     sing N N 63  
DC  C2    O2     doub N N 64  
DC  C2    N3     sing N N 65  
DC  N3    C4     doub N N 66  
DC  C4    N4     sing N N 67  
DC  C4    C5     sing N N 68  
DC  N4    H41    sing N N 69  
DC  N4    H42    sing N N 70  
DC  C5    C6     doub N N 71  
DC  C5    H5     sing N N 72  
DC  C6    H6     sing N N 73  
DG  OP3   P      sing N N 74  
DG  OP3   HOP3   sing N N 75  
DG  P     OP1    doub N N 76  
DG  P     OP2    sing N N 77  
DG  P     "O5'"  sing N N 78  
DG  OP2   HOP2   sing N N 79  
DG  "O5'" "C5'"  sing N N 80  
DG  "C5'" "C4'"  sing N N 81  
DG  "C5'" "H5'"  sing N N 82  
DG  "C5'" "H5''" sing N N 83  
DG  "C4'" "O4'"  sing N N 84  
DG  "C4'" "C3'"  sing N N 85  
DG  "C4'" "H4'"  sing N N 86  
DG  "O4'" "C1'"  sing N N 87  
DG  "C3'" "O3'"  sing N N 88  
DG  "C3'" "C2'"  sing N N 89  
DG  "C3'" "H3'"  sing N N 90  
DG  "O3'" "HO3'" sing N N 91  
DG  "C2'" "C1'"  sing N N 92  
DG  "C2'" "H2'"  sing N N 93  
DG  "C2'" "H2''" sing N N 94  
DG  "C1'" N9     sing N N 95  
DG  "C1'" "H1'"  sing N N 96  
DG  N9    C8     sing Y N 97  
DG  N9    C4     sing Y N 98  
DG  C8    N7     doub Y N 99  
DG  C8    H8     sing N N 100 
DG  N7    C5     sing Y N 101 
DG  C5    C6     sing N N 102 
DG  C5    C4     doub Y N 103 
DG  C6    O6     doub N N 104 
DG  C6    N1     sing N N 105 
DG  N1    C2     sing N N 106 
DG  N1    H1     sing N N 107 
DG  C2    N2     sing N N 108 
DG  C2    N3     doub N N 109 
DG  N2    H21    sing N N 110 
DG  N2    H22    sing N N 111 
DG  N3    C4     sing N N 112 
DM8 C1    C2     doub Y N 113 
DM8 C1    C15    sing Y N 114 
DM8 C1    H1     sing N N 115 
DM8 C2    C3     sing Y N 116 
DM8 C2    H2     sing N N 117 
DM8 C3    C4     doub Y N 118 
DM8 C3    H3     sing N N 119 
DM8 C4    C16    sing Y N 120 
DM8 C4    O4     sing N N 121 
DM8 C5    C16    sing N N 122 
DM8 C5    C17    sing N N 123 
DM8 C5    O5     doub N N 124 
DM8 C6    C17    doub Y N 125 
DM8 C6    C20    sing Y N 126 
DM8 C6    O6     sing N N 127 
DM8 C7    C8     sing N N 128 
DM8 C7    C20    sing N N 129 
DM8 C7    O7     sing N N 130 
DM8 C7    H7     sing N N 131 
DM8 C8    C9     sing N N 132 
DM8 C8    H81    sing N N 133 
DM8 C8    H82    sing N N 134 
DM8 C9    C10    sing N N 135 
DM8 C9    C13    sing N N 136 
DM8 C9    O9     sing N N 137 
DM8 C10   C19    sing N N 138 
DM8 C10   H101   sing N N 139 
DM8 C10   H102   sing N N 140 
DM8 C11   C18    doub Y N 141 
DM8 C11   C19    sing Y N 142 
DM8 C11   O11    sing N N 143 
DM8 C12   C15    sing N N 144 
DM8 C12   C18    sing N N 145 
DM8 C12   O12    doub N N 146 
DM8 C13   C14    sing N N 147 
DM8 C13   O13    doub N N 148 
DM8 C14   H141   sing N N 149 
DM8 C14   H142   sing N N 150 
DM8 C14   H143   sing N N 151 
DM8 C15   C16    doub Y N 152 
DM8 C17   C18    sing Y N 153 
DM8 C19   C20    doub Y N 154 
DM8 C21   O4     sing N N 155 
DM8 C21   H211   sing N N 156 
DM8 C21   H212   sing N N 157 
DM8 C21   H213   sing N N 158 
DM8 O6    H6     sing N N 159 
DM8 O7    "C1'"  sing N N 160 
DM8 O9    H9     sing N N 161 
DM8 O11   H11    sing N N 162 
DM8 "C1'" "C2'"  sing N N 163 
DM8 "C1'" "O5'"  sing N N 164 
DM8 "C1'" "H1'"  sing N N 165 
DM8 "C2'" "C3'"  sing N N 166 
DM8 "C2'" BR     sing N N 167 
DM8 "C2'" "H2'"  sing N N 168 
DM8 "C3'" "C4'"  sing N N 169 
DM8 "C3'" "N3'"  sing N N 170 
DM8 "C3'" "H3'"  sing N N 171 
DM8 "C4'" "C5'"  sing N N 172 
DM8 "C4'" "O4'"  sing N N 173 
DM8 "C4'" "H4'"  sing N N 174 
DM8 "C5'" "C6'"  sing N N 175 
DM8 "C5'" "O5'"  sing N N 176 
DM8 "C5'" "H5'"  sing N N 177 
DM8 "C6'" "H6'1" sing N N 178 
DM8 "C6'" "H6'2" sing N N 179 
DM8 "C6'" "H6'3" sing N N 180 
DM8 "O4'" "HO4'" sing N N 181 
DM8 "N3'" "HN'1" sing N N 182 
DM8 "N3'" "HN'2" sing N N 183 
DT  OP3   P      sing N N 184 
DT  OP3   HOP3   sing N N 185 
DT  P     OP1    doub N N 186 
DT  P     OP2    sing N N 187 
DT  P     "O5'"  sing N N 188 
DT  OP2   HOP2   sing N N 189 
DT  "O5'" "C5'"  sing N N 190 
DT  "C5'" "C4'"  sing N N 191 
DT  "C5'" "H5'"  sing N N 192 
DT  "C5'" "H5''" sing N N 193 
DT  "C4'" "O4'"  sing N N 194 
DT  "C4'" "C3'"  sing N N 195 
DT  "C4'" "H4'"  sing N N 196 
DT  "O4'" "C1'"  sing N N 197 
DT  "C3'" "O3'"  sing N N 198 
DT  "C3'" "C2'"  sing N N 199 
DT  "C3'" "H3'"  sing N N 200 
DT  "O3'" "HO3'" sing N N 201 
DT  "C2'" "C1'"  sing N N 202 
DT  "C2'" "H2'"  sing N N 203 
DT  "C2'" "H2''" sing N N 204 
DT  "C1'" N1     sing N N 205 
DT  "C1'" "H1'"  sing N N 206 
DT  N1    C2     sing N N 207 
DT  N1    C6     sing N N 208 
DT  C2    O2     doub N N 209 
DT  C2    N3     sing N N 210 
DT  N3    C4     sing N N 211 
DT  N3    H3     sing N N 212 
DT  C4    O4     doub N N 213 
DT  C4    C5     sing N N 214 
DT  C5    C7     sing N N 215 
DT  C5    C6     doub N N 216 
DT  C7    H71    sing N N 217 
DT  C7    H72    sing N N 218 
DT  C7    H73    sing N N 219 
DT  C6    H6     sing N N 220 
HOH O     H1     sing N N 221 
HOH O     H2     sing N N 222 
# 
_ndb_struct_conf_na.entry_id   276D 
_ndb_struct_conf_na.feature    'b-form double helix' 
# 
loop_
_ndb_struct_na_base_pair.model_number 
_ndb_struct_na_base_pair.i_label_asym_id 
_ndb_struct_na_base_pair.i_label_comp_id 
_ndb_struct_na_base_pair.i_label_seq_id 
_ndb_struct_na_base_pair.i_symmetry 
_ndb_struct_na_base_pair.j_label_asym_id 
_ndb_struct_na_base_pair.j_label_comp_id 
_ndb_struct_na_base_pair.j_label_seq_id 
_ndb_struct_na_base_pair.j_symmetry 
_ndb_struct_na_base_pair.shear 
_ndb_struct_na_base_pair.stretch 
_ndb_struct_na_base_pair.stagger 
_ndb_struct_na_base_pair.buckle 
_ndb_struct_na_base_pair.propeller 
_ndb_struct_na_base_pair.opening 
_ndb_struct_na_base_pair.pair_number 
_ndb_struct_na_base_pair.pair_name 
_ndb_struct_na_base_pair.i_auth_asym_id 
_ndb_struct_na_base_pair.i_auth_seq_id 
_ndb_struct_na_base_pair.i_PDB_ins_code 
_ndb_struct_na_base_pair.j_auth_asym_id 
_ndb_struct_na_base_pair.j_auth_seq_id 
_ndb_struct_na_base_pair.j_PDB_ins_code 
_ndb_struct_na_base_pair.hbond_type_28 
_ndb_struct_na_base_pair.hbond_type_12 
1 A DC 1 1_555 A DG 6 8_665 0.219  -0.284 -0.089 5.845   1.810  -1.225 1 A_DC1:DG6_A A 1 ? A 6 ? 19 1 
1 A DG 2 1_555 A DC 5 8_665 -0.267 -0.234 -0.191 -14.353 0.961  0.948  2 A_DG2:DC5_A A 2 ? A 5 ? 19 1 
1 A DA 3 1_555 A DT 4 8_665 -0.056 -0.201 0.046  -8.830  -4.510 2.899  3 A_DA3:DT4_A A 3 ? A 4 ? 20 1 
1 A DT 4 1_555 A DA 3 8_665 0.056  -0.201 0.046  8.830   -4.510 2.899  4 A_DT4:DA3_A A 4 ? A 3 ? 20 1 
1 A DC 5 1_555 A DG 2 8_665 0.267  -0.234 -0.191 14.353  0.961  0.948  5 A_DC5:DG2_A A 5 ? A 2 ? 19 1 
1 A DG 6 1_555 A DC 1 8_665 -0.219 -0.284 -0.089 -5.845  1.810  -1.225 6 A_DG6:DC1_A A 6 ? A 1 ? 19 1 
# 
loop_
_ndb_struct_na_base_pair_step.model_number 
_ndb_struct_na_base_pair_step.i_label_asym_id_1 
_ndb_struct_na_base_pair_step.i_label_comp_id_1 
_ndb_struct_na_base_pair_step.i_label_seq_id_1 
_ndb_struct_na_base_pair_step.i_symmetry_1 
_ndb_struct_na_base_pair_step.j_label_asym_id_1 
_ndb_struct_na_base_pair_step.j_label_comp_id_1 
_ndb_struct_na_base_pair_step.j_label_seq_id_1 
_ndb_struct_na_base_pair_step.j_symmetry_1 
_ndb_struct_na_base_pair_step.i_label_asym_id_2 
_ndb_struct_na_base_pair_step.i_label_comp_id_2 
_ndb_struct_na_base_pair_step.i_label_seq_id_2 
_ndb_struct_na_base_pair_step.i_symmetry_2 
_ndb_struct_na_base_pair_step.j_label_asym_id_2 
_ndb_struct_na_base_pair_step.j_label_comp_id_2 
_ndb_struct_na_base_pair_step.j_label_seq_id_2 
_ndb_struct_na_base_pair_step.j_symmetry_2 
_ndb_struct_na_base_pair_step.shift 
_ndb_struct_na_base_pair_step.slide 
_ndb_struct_na_base_pair_step.rise 
_ndb_struct_na_base_pair_step.tilt 
_ndb_struct_na_base_pair_step.roll 
_ndb_struct_na_base_pair_step.twist 
_ndb_struct_na_base_pair_step.x_displacement 
_ndb_struct_na_base_pair_step.y_displacement 
_ndb_struct_na_base_pair_step.helical_rise 
_ndb_struct_na_base_pair_step.inclination 
_ndb_struct_na_base_pair_step.tip 
_ndb_struct_na_base_pair_step.helical_twist 
_ndb_struct_na_base_pair_step.step_number 
_ndb_struct_na_base_pair_step.step_name 
_ndb_struct_na_base_pair_step.i_auth_asym_id_1 
_ndb_struct_na_base_pair_step.i_auth_seq_id_1 
_ndb_struct_na_base_pair_step.i_PDB_ins_code_1 
_ndb_struct_na_base_pair_step.j_auth_asym_id_1 
_ndb_struct_na_base_pair_step.j_auth_seq_id_1 
_ndb_struct_na_base_pair_step.j_PDB_ins_code_1 
_ndb_struct_na_base_pair_step.i_auth_asym_id_2 
_ndb_struct_na_base_pair_step.i_auth_seq_id_2 
_ndb_struct_na_base_pair_step.i_PDB_ins_code_2 
_ndb_struct_na_base_pair_step.j_auth_asym_id_2 
_ndb_struct_na_base_pair_step.j_auth_seq_id_2 
_ndb_struct_na_base_pair_step.j_PDB_ins_code_2 
1 A DC 1 1_555 A DG 6 8_665 A DG 2 1_555 A DC 5 8_665 1.145  0.962  7.010 0.118  -3.300 33.977 2.753  -1.912 6.892 -5.631 -0.202 
34.132 1 AA_DC1DG2:DC5DG6_AA A 1 ? A 6 ? A 2 ? A 5 ? 
1 A DG 2 1_555 A DC 5 8_665 A DA 3 1_555 A DT 4 8_665 -1.109 0.319  3.328 -4.917 0.744  32.574 0.431  1.082  3.460 1.317  8.703  
32.942 2 AA_DG2DA3:DT4DC5_AA A 2 ? A 5 ? A 3 ? A 4 ? 
1 A DA 3 1_555 A DT 4 8_665 A DT 4 1_555 A DA 3 8_665 0.000  -0.454 3.034 0.000  2.104  30.446 -1.249 0.000  2.997 4.001  0.000  
30.517 3 AA_DA3DT4:DA3DT4_AA A 3 ? A 4 ? A 4 ? A 3 ? 
1 A DT 4 1_555 A DA 3 8_665 A DC 5 1_555 A DG 2 8_665 1.109  0.319  3.328 4.917  0.744  32.574 0.431  -1.082 3.460 1.317  -8.703 
32.942 4 AA_DT4DC5:DG2DA3_AA A 4 ? A 3 ? A 5 ? A 2 ? 
1 A DC 5 1_555 A DG 2 8_665 A DG 6 1_555 A DC 1 8_665 -1.145 0.962  7.010 -0.118 -3.300 33.977 2.753  1.912  6.892 -5.631 0.202  
34.132 5 AA_DC5DG6:DC1DG2_AA A 5 ? A 2 ? A 6 ? A 1 ? 
# 
_atom_sites.entry_id                    276D 
_atom_sites.fract_transf_matrix[1][1]   0.01975060 
_atom_sites.fract_transf_matrix[1][2]   0.02863106 
_atom_sites.fract_transf_matrix[1][3]   -0.00758526 
_atom_sites.fract_transf_matrix[2][1]   -0.02951930 
_atom_sites.fract_transf_matrix[2][2]   0.01977452 
_atom_sites.fract_transf_matrix[2][3]   -0.00222253 
_atom_sites.fract_transf_matrix[3][1]   0.00127659 
_atom_sites.fract_transf_matrix[3][2]   0.00395871 
_atom_sites.fract_transf_matrix[3][3]   0.01826641 
_atom_sites.fract_transf_vector[1]      0.579804 
_atom_sites.fract_transf_vector[2]      0.540163 
_atom_sites.fract_transf_vector[3]      0.208438 
# 
loop_
_atom_type.symbol 
BR 
C  
N  
O  
P  
# 
loop_
_atom_site.group_PDB 
_atom_site.id 
_atom_site.type_symbol 
_atom_site.label_atom_id 
_atom_site.label_alt_id 
_atom_site.label_comp_id 
_atom_site.label_asym_id 
_atom_site.label_entity_id 
_atom_site.label_seq_id 
_atom_site.pdbx_PDB_ins_code 
_atom_site.Cartn_x 
_atom_site.Cartn_y 
_atom_site.Cartn_z 
_atom_site.occupancy 
_atom_site.B_iso_or_equiv 
_atom_site.pdbx_formal_charge 
_atom_site.auth_seq_id 
_atom_site.auth_comp_id 
_atom_site.auth_asym_id 
_atom_site.auth_atom_id 
_atom_site.pdbx_PDB_model_num 
ATOM   1   O  "O5'" . DC  A 1 1 ? -7.231  -0.113  12.560  1.00 24.54 ? 1  DC  A "O5'" 1 
ATOM   2   C  "C5'" . DC  A 1 1 ? -7.758  0.981   13.350  1.00 23.85 ? 1  DC  A "C5'" 1 
ATOM   3   C  "C4'" . DC  A 1 1 ? -6.718  2.095   13.381  1.00 23.70 ? 1  DC  A "C4'" 1 
ATOM   4   O  "O4'" . DC  A 1 1 ? -5.663  1.777   14.257  1.00 22.87 ? 1  DC  A "O4'" 1 
ATOM   5   C  "C3'" . DC  A 1 1 ? -6.068  2.401   11.999  1.00 23.65 ? 1  DC  A "C3'" 1 
ATOM   6   O  "O3'" . DC  A 1 1 ? -6.189  3.800   11.743  1.00 24.80 ? 1  DC  A "O3'" 1 
ATOM   7   C  "C2'" . DC  A 1 1 ? -4.623  1.982   12.121  1.00 23.05 ? 1  DC  A "C2'" 1 
ATOM   8   C  "C1'" . DC  A 1 1 ? -4.397  2.033   13.670  1.00 21.94 ? 1  DC  A "C1'" 1 
ATOM   9   N  N1    . DC  A 1 1 ? -3.471  0.961   14.023  1.00 20.94 ? 1  DC  A N1    1 
ATOM   10  C  C2    . DC  A 1 1 ? -2.106  1.243   14.004  1.00 20.14 ? 1  DC  A C2    1 
ATOM   11  O  O2    . DC  A 1 1 ? -1.761  2.395   13.736  1.00 20.11 ? 1  DC  A O2    1 
ATOM   12  N  N3    . DC  A 1 1 ? -1.266  0.213   14.239  1.00 19.73 ? 1  DC  A N3    1 
ATOM   13  C  C4    . DC  A 1 1 ? -1.670  -1.030  14.548  1.00 19.38 ? 1  DC  A C4    1 
ATOM   14  N  N4    . DC  A 1 1 ? -0.807  -2.019  14.790  1.00 19.25 ? 1  DC  A N4    1 
ATOM   15  C  C5    . DC  A 1 1 ? -3.059  -1.302  14.557  1.00 19.94 ? 1  DC  A C5    1 
ATOM   16  C  C6    . DC  A 1 1 ? -3.890  -0.293  14.275  1.00 20.23 ? 1  DC  A C6    1 
ATOM   17  P  P     . DG  A 1 2 ? -7.006  4.762   10.797  1.00 29.87 ? 2  DG  A P     1 
ATOM   18  O  OP1   . DG  A 1 2 ? -7.108  6.079   11.482  1.00 29.45 ? 2  DG  A OP1   1 
ATOM   19  O  OP2   . DG  A 1 2 ? -8.197  4.037   10.260  1.00 29.91 ? 2  DG  A OP2   1 
ATOM   20  O  "O5'" . DG  A 1 2 ? -5.876  5.013   9.608   1.00 26.14 ? 2  DG  A "O5'" 1 
ATOM   21  C  "C5'" . DG  A 1 2 ? -4.499  5.397   9.779   1.00 24.85 ? 2  DG  A "C5'" 1 
ATOM   22  C  "C4'" . DG  A 1 2 ? -3.743  4.935   8.572   1.00 24.61 ? 2  DG  A "C4'" 1 
ATOM   23  O  "O4'" . DG  A 1 2 ? -3.275  3.598   8.786   1.00 23.92 ? 2  DG  A "O4'" 1 
ATOM   24  C  "C3'" . DG  A 1 2 ? -4.493  4.888   7.228   1.00 24.56 ? 2  DG  A "C3'" 1 
ATOM   25  O  "O3'" . DG  A 1 2 ? -3.730  5.534   6.224   1.00 26.10 ? 2  DG  A "O3'" 1 
ATOM   26  C  "C2'" . DG  A 1 2 ? -4.647  3.400   6.916   1.00 23.72 ? 2  DG  A "C2'" 1 
ATOM   27  C  "C1'" . DG  A 1 2 ? -3.341  2.937   7.504   1.00 22.66 ? 2  DG  A "C1'" 1 
ATOM   28  N  N9    . DG  A 1 2 ? -3.307  1.506   7.687   1.00 21.22 ? 2  DG  A N9    1 
ATOM   29  C  C8    . DG  A 1 2 ? -4.332  0.650   7.960   1.00 20.89 ? 2  DG  A C8    1 
ATOM   30  N  N7    . DG  A 1 2 ? -3.945  -0.578  8.008   1.00 20.72 ? 2  DG  A N7    1 
ATOM   31  C  C5    . DG  A 1 2 ? -2.569  -0.541  7.799   1.00 20.21 ? 2  DG  A C5    1 
ATOM   32  C  C6    . DG  A 1 2 ? -1.559  -1.539  7.813   1.00 19.82 ? 2  DG  A C6    1 
ATOM   33  O  O6    . DG  A 1 2 ? -1.777  -2.763  8.007   1.00 20.15 ? 2  DG  A O6    1 
ATOM   34  N  N1    . DG  A 1 2 ? -0.296  -1.074  7.635   1.00 19.28 ? 2  DG  A N1    1 
ATOM   35  C  C2    . DG  A 1 2 ? -0.013  0.226   7.477   1.00 18.99 ? 2  DG  A C2    1 
ATOM   36  N  N2    . DG  A 1 2 ? 1.267   0.520   7.268   1.00 19.13 ? 2  DG  A N2    1 
ATOM   37  N  N3    . DG  A 1 2 ? -0.889  1.223   7.474   1.00 19.70 ? 2  DG  A N3    1 
ATOM   38  C  C4    . DG  A 1 2 ? -2.151  0.768   7.635   1.00 20.34 ? 2  DG  A C4    1 
ATOM   39  P  P     . DA  A 1 3 ? -3.904  6.633   5.040   1.00 34.00 ? 3  DA  A P     1 
ATOM   40  O  OP1   . DA  A 1 3 ? -4.171  7.894   5.902   1.00 34.32 ? 3  DA  A OP1   1 
ATOM   41  O  OP2   . DA  A 1 3 ? -4.795  6.056   4.035   1.00 32.94 ? 3  DA  A OP2   1 
ATOM   42  O  "O5'" . DA  A 1 3 ? -2.384  6.932   4.480   1.00 26.43 ? 3  DA  A "O5'" 1 
ATOM   43  C  "C5'" . DA  A 1 3 ? -1.250  7.302   5.301   1.00 24.85 ? 3  DA  A "C5'" 1 
ATOM   44  C  "C4'" . DA  A 1 3 ? -0.113  6.444   4.745   1.00 24.12 ? 3  DA  A "C4'" 1 
ATOM   45  O  "O4'" . DA  A 1 3 ? -0.273  5.094   5.153   1.00 23.40 ? 3  DA  A "O4'" 1 
ATOM   46  C  "C3'" . DA  A 1 3 ? -0.011  6.423   3.204   1.00 23.81 ? 3  DA  A "C3'" 1 
ATOM   47  O  "O3'" . DA  A 1 3 ? 1.214   7.022   2.792   1.00 24.81 ? 3  DA  A "O3'" 1 
ATOM   48  C  "C2'" . DA  A 1 3 ? -0.037  4.978   2.797   1.00 23.26 ? 3  DA  A "C2'" 1 
ATOM   49  C  "C1'" . DA  A 1 3 ? 0.281   4.267   4.078   1.00 22.09 ? 3  DA  A "C1'" 1 
ATOM   50  N  N9    . DA  A 1 3 ? -0.421  2.987   4.131   1.00 20.58 ? 3  DA  A N9    1 
ATOM   51  C  C8    . DA  A 1 3 ? -1.773  2.840   4.219   1.00 20.07 ? 3  DA  A C8    1 
ATOM   52  N  N7    . DA  A 1 3 ? -2.156  1.599   4.247   1.00 19.71 ? 3  DA  A N7    1 
ATOM   53  C  C5    . DA  A 1 3 ? -0.950  0.892   4.168   1.00 19.29 ? 3  DA  A C5    1 
ATOM   54  C  C6    . DA  A 1 3 ? -0.712  -0.508  4.197   1.00 19.15 ? 3  DA  A C6    1 
ATOM   55  N  N6    . DA  A 1 3 ? -1.693  -1.400  4.312   1.00 18.73 ? 3  DA  A N6    1 
ATOM   56  N  N1    . DA  A 1 3 ? 0.622   -0.816  4.132   1.00 18.98 ? 3  DA  A N1    1 
ATOM   57  C  C2    . DA  A 1 3 ? 1.599   0.114   4.016   1.00 18.72 ? 3  DA  A C2    1 
ATOM   58  N  N3    . DA  A 1 3 ? 1.432   1.430   4.000   1.00 19.10 ? 3  DA  A N3    1 
ATOM   59  C  C4    . DA  A 1 3 ? 0.125   1.737   4.101   1.00 19.56 ? 3  DA  A C4    1 
ATOM   60  P  P     . DT  A 1 4 ? 1.416   7.352   1.146   1.00 30.69 ? 4  DT  A P     1 
ATOM   61  O  OP1   . DT  A 1 4 ? 2.396   8.496   1.371   1.00 30.73 ? 4  DT  A OP1   1 
ATOM   62  O  OP2   . DT  A 1 4 ? 0.184   6.900   0.504   1.00 30.56 ? 4  DT  A OP2   1 
ATOM   63  O  "O5'" . DT  A 1 4 ? 2.344   6.093   0.708   1.00 25.29 ? 4  DT  A "O5'" 1 
ATOM   64  C  "C5'" . DT  A 1 4 ? 3.458   5.683   1.480   1.00 24.64 ? 4  DT  A "C5'" 1 
ATOM   65  C  "C4'" . DT  A 1 4 ? 3.982   4.409   0.821   1.00 24.39 ? 4  DT  A "C4'" 1 
ATOM   66  O  "O4'" . DT  A 1 4 ? 3.200   3.290   1.163   1.00 23.92 ? 4  DT  A "O4'" 1 
ATOM   67  C  "C3'" . DT  A 1 4 ? 4.062   4.396   -0.725  1.00 24.24 ? 4  DT  A "C3'" 1 
ATOM   68  O  "O3'" . DT  A 1 4 ? 5.446   4.107   -1.071  1.00 25.35 ? 4  DT  A "O3'" 1 
ATOM   69  C  "C2'" . DT  A 1 4 ? 3.058   3.339   -1.154  1.00 23.66 ? 4  DT  A "C2'" 1 
ATOM   70  C  "C1'" . DT  A 1 4 ? 2.967   2.440   0.022   1.00 22.43 ? 4  DT  A "C1'" 1 
ATOM   71  N  N1    . DT  A 1 4 ? 1.628   1.851   0.233   1.00 21.39 ? 4  DT  A N1    1 
ATOM   72  C  C2    . DT  A 1 4 ? 1.650   0.502   0.540   1.00 20.53 ? 4  DT  A C2    1 
ATOM   73  O  O2    . DT  A 1 4 ? 2.729   -0.118  0.571   1.00 20.97 ? 4  DT  A O2    1 
ATOM   74  N  N3    . DT  A 1 4 ? 0.473   -0.115  0.684   1.00 20.26 ? 4  DT  A N3    1 
ATOM   75  C  C4    . DT  A 1 4 ? -0.690  0.555   0.681   1.00 19.91 ? 4  DT  A C4    1 
ATOM   76  O  O4    . DT  A 1 4 ? -1.703  -0.136  0.923   1.00 19.81 ? 4  DT  A O4    1 
ATOM   77  C  C5    . DT  A 1 4 ? -0.710  1.941   0.414   1.00 20.17 ? 4  DT  A C5    1 
ATOM   78  C  C7    . DT  A 1 4 ? -2.039  2.669   0.389   1.00 20.14 ? 4  DT  A C7    1 
ATOM   79  C  C6    . DT  A 1 4 ? 0.454   2.553   0.195   1.00 20.59 ? 4  DT  A C6    1 
ATOM   80  P  P     . DC  A 1 5 ? 5.991   4.518   -2.632  1.00 30.27 ? 5  DC  A P     1 
ATOM   81  O  OP1   . DC  A 1 5 ? 7.432   4.750   -2.372  1.00 31.26 ? 5  DC  A OP1   1 
ATOM   82  O  OP2   . DC  A 1 5 ? 4.947   5.523   -2.985  1.00 30.83 ? 5  DC  A OP2   1 
ATOM   83  O  "O5'" . DC  A 1 5 ? 5.604   3.033   -3.313  1.00 26.03 ? 5  DC  A "O5'" 1 
ATOM   84  C  "C5'" . DC  A 1 5 ? 6.416   1.828   -3.048  1.00 24.89 ? 5  DC  A "C5'" 1 
ATOM   85  C  "C4'" . DC  A 1 5 ? 5.707   0.692   -3.776  1.00 24.44 ? 5  DC  A "C4'" 1 
ATOM   86  O  "O4'" . DC  A 1 5 ? 4.496   0.385   -3.078  1.00 23.79 ? 5  DC  A "O4'" 1 
ATOM   87  C  "C3'" . DC  A 1 5 ? 5.302   0.985   -5.213  1.00 24.24 ? 5  DC  A "C3'" 1 
ATOM   88  O  "O3'" . DC  A 1 5 ? 5.607   -0.155  -6.022  1.00 25.39 ? 5  DC  A "O3'" 1 
ATOM   89  C  "C2'" . DC  A 1 5 ? 3.781   1.208   -5.144  1.00 23.68 ? 5  DC  A "C2'" 1 
ATOM   90  C  "C1'" . DC  A 1 5 ? 3.452   0.240   -3.986  1.00 22.86 ? 5  DC  A "C1'" 1 
ATOM   91  N  N1    . DC  A 1 5 ? 2.078   0.474   -3.552  1.00 21.73 ? 5  DC  A N1    1 
ATOM   92  C  C2    . DC  A 1 5 ? 1.467   -0.671  -3.059  1.00 20.93 ? 5  DC  A C2    1 
ATOM   93  O  O2    . DC  A 1 5 ? 2.178   -1.673  -2.885  1.00 20.94 ? 5  DC  A O2    1 
ATOM   94  N  N3    . DC  A 1 5 ? 0.147   -0.601  -2.767  1.00 20.43 ? 5  DC  A N3    1 
ATOM   95  C  C4    . DC  A 1 5 ? -0.547  0.568   -2.945  1.00 20.37 ? 5  DC  A C4    1 
ATOM   96  N  N4    . DC  A 1 5 ? -1.844  0.578   -2.644  1.00 20.04 ? 5  DC  A N4    1 
ATOM   97  C  C5    . DC  A 1 5 ? 0.080   1.744   -3.425  1.00 20.67 ? 5  DC  A C5    1 
ATOM   98  C  C6    . DC  A 1 5 ? 1.397   1.650   -3.737  1.00 21.19 ? 5  DC  A C6    1 
ATOM   99  P  P     . DG  A 1 6 ? 6.773   -0.120  -7.216  1.00 29.19 ? 6  DG  A P     1 
ATOM   100 O  OP1   . DG  A 1 6 ? 8.071   -0.068  -6.371  1.00 29.88 ? 6  DG  A OP1   1 
ATOM   101 O  OP2   . DG  A 1 6 ? 6.100   0.816   -8.166  1.00 26.31 ? 6  DG  A OP2   1 
ATOM   102 O  "O5'" . DG  A 1 6 ? 6.631   -1.707  -7.618  1.00 24.34 ? 6  DG  A "O5'" 1 
ATOM   103 C  "C5'" . DG  A 1 6 ? 6.737   -2.835  -6.734  1.00 22.47 ? 6  DG  A "C5'" 1 
ATOM   104 C  "C4'" . DG  A 1 6 ? 6.660   -4.139  -7.454  1.00 21.95 ? 6  DG  A "C4'" 1 
ATOM   105 O  "O4'" . DG  A 1 6 ? 5.356   -4.584  -7.732  1.00 21.35 ? 6  DG  A "O4'" 1 
ATOM   106 C  "C3'" . DG  A 1 6 ? 7.298   -4.264  -8.851  1.00 21.42 ? 6  DG  A "C3'" 1 
ATOM   107 O  "O3'" . DG  A 1 6 ? 7.732   -5.614  -8.939  1.00 22.34 ? 6  DG  A "O3'" 1 
ATOM   108 C  "C2'" . DG  A 1 6 ? 6.200   -3.922  -9.807  1.00 20.87 ? 6  DG  A "C2'" 1 
ATOM   109 C  "C1'" . DG  A 1 6 ? 5.012   -4.566  -9.124  1.00 19.89 ? 6  DG  A "C1'" 1 
ATOM   110 N  N9    . DG  A 1 6 ? 3.790   -3.738  -9.273  1.00 18.64 ? 6  DG  A N9    1 
ATOM   111 C  C8    . DG  A 1 6 ? 3.708   -2.404  -9.540  1.00 18.10 ? 6  DG  A C8    1 
ATOM   112 N  N7    . DG  A 1 6 ? 2.506   -1.947  -9.539  1.00 17.94 ? 6  DG  A N7    1 
ATOM   113 C  C5    . DG  A 1 6 ? 1.722   -3.079  -9.244  1.00 17.54 ? 6  DG  A C5    1 
ATOM   114 C  C6    . DG  A 1 6 ? 0.315   -3.223  -9.125  1.00 17.31 ? 6  DG  A C6    1 
ATOM   115 O  O6    . DG  A 1 6 ? -0.498  -2.280  -9.267  1.00 17.72 ? 6  DG  A O6    1 
ATOM   116 N  N1    . DG  A 1 6 ? -0.090  -4.485  -8.850  1.00 17.12 ? 6  DG  A N1    1 
ATOM   117 C  C2    . DG  A 1 6 ? 0.777   -5.521  -8.692  1.00 16.87 ? 6  DG  A C2    1 
ATOM   118 N  N2    . DG  A 1 6 ? 0.267   -6.712  -8.437  1.00 16.89 ? 6  DG  A N2    1 
ATOM   119 N  N3    . DG  A 1 6 ? 2.100   -5.428  -8.794  1.00 17.40 ? 6  DG  A N3    1 
ATOM   120 C  C4    . DG  A 1 6 ? 2.492   -4.178  -9.103  1.00 17.78 ? 6  DG  A C4    1 
HETATM 121 C  C1    . DM8 B 2 . ? -3.413  -0.335  -5.894  1.00 18.44 ? 7  DM8 A C1    1 
HETATM 122 C  C2    . DM8 B 2 . ? -3.447  1.011   -6.156  1.00 18.60 ? 7  DM8 A C2    1 
HETATM 123 C  C3    . DM8 B 2 . ? -2.192  1.740   -6.440  1.00 18.90 ? 7  DM8 A C3    1 
HETATM 124 C  C4    . DM8 B 2 . ? -0.951  0.957   -6.456  1.00 18.65 ? 7  DM8 A C4    1 
HETATM 125 C  C5    . DM8 B 2 . ? 0.275   -1.196  -6.157  1.00 18.15 ? 7  DM8 A C5    1 
HETATM 126 C  C6    . DM8 B 2 . ? 1.315   -3.429  -5.784  1.00 18.41 ? 7  DM8 A C6    1 
HETATM 127 C  C7    . DM8 B 2 . ? 2.372   -5.699  -5.420  1.00 20.50 ? 7  DM8 A C7    1 
HETATM 128 C  C8    . DM8 B 2 . ? 2.080   -7.115  -5.143  1.00 20.33 ? 7  DM8 A C8    1 
HETATM 129 C  C9    . DM8 B 2 . ? 0.871   -7.471  -4.362  1.00 20.44 ? 7  DM8 A C9    1 
HETATM 130 C  C10   . DM8 B 2 . ? -0.436  -6.804  -4.946  1.00 19.62 ? 7  DM8 A C10   1 
HETATM 131 C  C11   . DM8 B 2 . ? -1.215  -4.569  -5.299  1.00 18.29 ? 7  DM8 A C11   1 
HETATM 132 C  C12   . DM8 B 2 . ? -2.358  -2.408  -5.589  1.00 17.95 ? 7  DM8 A C12   1 
HETATM 133 C  C13   . DM8 B 2 . ? 0.660   -8.964  -4.347  1.00 21.05 ? 7  DM8 A C13   1 
HETATM 134 C  C14   . DM8 B 2 . ? 1.400   -9.591  -3.458  1.00 21.57 ? 7  DM8 A C14   1 
HETATM 135 C  C15   . DM8 B 2 . ? -2.181  -1.023  -5.913  1.00 18.09 ? 7  DM8 A C15   1 
HETATM 136 C  C16   . DM8 B 2 . ? -1.011  -0.412  -6.176  1.00 18.31 ? 7  DM8 A C16   1 
HETATM 137 C  C17   . DM8 B 2 . ? 0.168   -2.639  -5.842  1.00 18.19 ? 7  DM8 A C17   1 
HETATM 138 C  C18   . DM8 B 2 . ? -1.169  -3.234  -5.598  1.00 18.04 ? 7  DM8 A C18   1 
HETATM 139 C  C19   . DM8 B 2 . ? -0.119  -5.429  -5.255  1.00 18.84 ? 7  DM8 A C19   1 
HETATM 140 C  C20   . DM8 B 2 . ? 1.096   -4.792  -5.501  1.00 19.15 ? 7  DM8 A C20   1 
HETATM 141 C  C21   . DM8 B 2 . ? 0.625   2.815   -6.979  1.00 19.39 ? 7  DM8 A C21   1 
HETATM 142 O  O4    . DM8 B 2 . ? 0.226   1.520   -6.709  1.00 19.23 ? 7  DM8 A O4    1 
HETATM 143 O  O5    . DM8 B 2 . ? 1.427   -0.788  -6.413  1.00 18.66 ? 7  DM8 A O5    1 
HETATM 144 O  O6    . DM8 B 2 . ? 2.499   -2.948  -5.987  1.00 18.97 ? 7  DM8 A O6    1 
HETATM 145 O  O7    . DM8 B 2 . ? 3.063   -5.049  -4.318  1.00 22.43 ? 7  DM8 A O7    1 
HETATM 146 O  O9    . DM8 B 2 . ? 0.945   -7.087  -2.956  1.00 20.58 ? 7  DM8 A O9    1 
HETATM 147 O  O11   . DM8 B 2 . ? -2.473  -5.073  -5.020  1.00 18.71 ? 7  DM8 A O11   1 
HETATM 148 O  O12   . DM8 B 2 . ? -3.484  -2.838  -5.396  1.00 18.27 ? 7  DM8 A O12   1 
HETATM 149 O  O13   . DM8 B 2 . ? -0.250  -9.819  -5.132  1.00 22.57 ? 7  DM8 A O13   1 
HETATM 150 C  "C1'" . DM8 B 2 . ? 4.444   -4.960  -4.275  1.00 25.08 ? 7  DM8 A "C1'" 1 
HETATM 151 C  "C2'" . DM8 B 2 . ? 4.859   -4.106  -2.989  1.00 25.67 ? 7  DM8 A "C2'" 1 
HETATM 152 C  "C3'" . DM8 B 2 . ? 4.512   -4.934  -1.784  1.00 26.20 ? 7  DM8 A "C3'" 1 
HETATM 153 C  "C4'" . DM8 B 2 . ? 5.263   -6.311  -1.756  1.00 25.99 ? 7  DM8 A "C4'" 1 
HETATM 154 C  "C5'" . DM8 B 2 . ? 4.698   -7.164  -2.955  1.00 25.82 ? 7  DM8 A "C5'" 1 
HETATM 155 C  "C6'" . DM8 B 2 . ? 5.406   -8.503  -3.223  1.00 25.66 ? 7  DM8 A "C6'" 1 
HETATM 156 O  "O5'" . DM8 B 2 . ? 4.985   -6.370  -4.204  1.00 25.32 ? 7  DM8 A "O5'" 1 
HETATM 157 O  "O4'" . DM8 B 2 . ? 5.003   -6.968  -0.446  1.00 26.34 ? 7  DM8 A "O4'" 1 
HETATM 158 N  "N3'" . DM8 B 2 . ? 4.847   -4.260  -0.426  1.00 25.96 ? 7  DM8 A "N3'" 1 
HETATM 159 BR BR    . DM8 B 2 . ? 6.541   -3.442  -3.354  1.00 28.76 ? 7  DM8 A BR    1 
HETATM 160 O  O     . HOH C 3 . ? 7.509   -0.900  -0.348  1.00 43.78 ? 8  HOH A O     1 
HETATM 161 O  O     . HOH C 3 . ? 4.499   -1.605  -0.922  1.00 31.83 ? 9  HOH A O     1 
HETATM 162 O  O     . HOH C 3 . ? -0.164  5.444   -1.636  1.00 38.79 ? 10 HOH A O     1 
HETATM 163 O  O     . HOH C 3 . ? -2.565  7.090   0.627   1.00 36.10 ? 11 HOH A O     1 
HETATM 164 O  O     . HOH C 3 . ? -3.717  8.573   7.786   1.00 45.47 ? 12 HOH A O     1 
HETATM 165 O  O     . HOH C 3 . ? -2.941  3.212   -3.373  1.00 36.28 ? 13 HOH A O     1 
HETATM 166 O  O     . HOH C 3 . ? 0.204   6.166   -5.394  1.00 54.14 ? 14 HOH A O     1 
HETATM 167 O  O     . HOH C 3 . ? -6.112  1.227   -3.657  1.00 53.98 ? 15 HOH A O     1 
HETATM 168 O  O     . HOH C 3 . ? -4.866  10.124  3.242   1.00 69.34 ? 16 HOH A O     1 
HETATM 169 O  O     . HOH C 3 . ? 1.971   0.574   -9.242  1.00 34.71 ? 17 HOH A O     1 
HETATM 170 O  O     . HOH C 3 . ? 3.665   -7.997  -8.484  1.00 49.33 ? 18 HOH A O     1 
HETATM 171 O  O     . HOH C 3 . ? -1.740  -9.456  -7.352  1.00 34.41 ? 19 HOH A O     1 
HETATM 172 O  O     . HOH C 3 . ? -1.401  -4.711  15.344  1.00 36.66 ? 20 HOH A O     1 
HETATM 173 O  O     . HOH C 3 . ? -4.446  -0.060  1.273   1.00 37.09 ? 21 HOH A O     1 
HETATM 174 O  O     . HOH C 3 . ? -4.666  -0.206  4.129   1.00 38.15 ? 22 HOH A O     1 
HETATM 175 O  O     . HOH C 3 . ? -5.412  -0.822  -2.216  1.00 40.95 ? 23 HOH A O     1 
HETATM 176 O  O     . HOH C 3 . ? -8.490  6.814   7.090   1.00 47.40 ? 24 HOH A O     1 
HETATM 177 O  O     . HOH C 3 . ? -5.875  2.476   -12.747 1.00 52.89 ? 25 HOH A O     1 
HETATM 178 O  O     . HOH C 3 . ? -7.831  1.646   8.465   1.00 41.84 ? 26 HOH A O     1 
HETATM 179 O  O     . HOH C 3 . ? -8.746  -0.220  9.968   1.00 51.69 ? 27 HOH A O     1 
HETATM 180 O  O     . HOH C 3 . ? 9.784   2.860   -4.167  1.00 59.33 ? 28 HOH A O     1 
HETATM 181 O  O     . HOH C 3 . ? 5.617   -7.508  -6.832  1.00 42.88 ? 29 HOH A O     1 
HETATM 182 O  O     . HOH C 3 . ? -10.106 -7.899  0.705   1.00 71.91 ? 30 HOH A O     1 
HETATM 183 O  O     . HOH C 3 . ? -0.796  0.125   -9.970  1.00 32.15 ? 31 HOH A O     1 
HETATM 184 O  O     . HOH C 3 . ? 3.843   9.678   -0.664  1.00 72.51 ? 32 HOH A O     1 
HETATM 185 O  O     . HOH C 3 . ? 1.377   -9.316  -8.503  1.00 39.88 ? 33 HOH A O     1 
HETATM 186 O  O     . HOH C 3 . ? 5.185   -2.300  1.858   1.00 34.84 ? 34 HOH A O     1 
HETATM 187 O  O     . HOH C 3 . ? 2.625   4.983   -4.398  1.00 41.07 ? 35 HOH A O     1 
HETATM 188 O  O     . HOH C 3 . ? -6.477  9.057   7.981   1.00 60.81 ? 36 HOH A O     1 
HETATM 189 O  O     . HOH C 3 . ? -6.701  -3.407  -3.729  1.00 57.77 ? 37 HOH A O     1 
HETATM 190 O  O     . HOH C 3 . ? -9.829  1.833   -6.026  1.00 63.98 ? 38 HOH A O     1 
HETATM 191 O  O     . HOH C 3 . ? 9.582   -0.953  -3.294  1.00 52.38 ? 39 HOH A O     1 
HETATM 192 O  O     . HOH C 3 . ? -2.880  -17.689 2.353   1.00 62.14 ? 40 HOH A O     1 
HETATM 193 O  O     . HOH C 3 . ? 7.733   -4.671  0.781   1.00 53.11 ? 41 HOH A O     1 
HETATM 194 O  O     . HOH C 3 . ? -6.459  1.059   -0.268  1.00 52.34 ? 42 HOH A O     1 
HETATM 195 O  O     . HOH C 3 . ? 10.185  0.583   -0.778  1.00 70.59 ? 43 HOH A O     1 
HETATM 196 O  O     . HOH C 3 . ? 4.289   2.860   -13.256 1.00 56.66 ? 44 HOH A O     1 
HETATM 197 O  O     . HOH C 3 . ? -8.490  5.635   -4.443  1.00 62.88 ? 45 HOH A O     1 
HETATM 198 O  O     . HOH C 3 . ? -6.218  2.567   3.473   1.00 51.44 ? 46 HOH A O     1 
HETATM 199 O  O     . HOH C 3 . ? -7.760  -3.741  0.616   1.00 56.81 ? 47 HOH A O     1 
HETATM 200 O  O     . HOH C 3 . ? -3.303  6.031   -1.413  1.00 47.95 ? 48 HOH A O     1 
HETATM 201 O  O     . HOH C 3 . ? -10.957 3.651   11.629  1.00 53.93 ? 49 HOH A O     1 
HETATM 202 O  O     . HOH C 3 . ? -1.116  -12.730 -5.733  1.00 47.37 ? 50 HOH A O     1 
HETATM 203 O  O     . HOH C 3 . ? 4.510   3.583   -9.454  1.00 55.30 ? 51 HOH A O     1 
HETATM 204 O  O     . HOH C 3 . ? -3.522  -13.277 -7.629  1.00 55.78 ? 52 HOH A O     1 
# 
